data_1A8Q
#
_entry.id   1A8Q
#
_cell.length_a   80.770
_cell.length_b   80.770
_cell.length_c   91.870
_cell.angle_alpha   90.00
_cell.angle_beta   90.00
_cell.angle_gamma   120.00
#
_symmetry.space_group_name_H-M   'P 63'
#
loop_
_entity.id
_entity.type
_entity.pdbx_description
1 polymer 'BROMOPEROXIDASE A1'
2 water water
#
_entity_poly.entity_id   1
_entity_poly.type   'polypeptide(L)'
_entity_poly.pdbx_seq_one_letter_code
;PICTTRDGVEIFYKDWGQGRPVVFIHGWPLNGDAWQDQLKAVVDAGYRGIAHDRRGHGHSTPVWDGYDFDTFADDLNDLL
TDLDLRDVTLVAHSMGGGELARYVGRHGTGRLRSAVLLSAIPPVMIKSDKNPDGVPDEVFDALKNGVLTERSQFWKDTAE
GFFSANRPGNKVTQGNKDAFWYMAMAQTIEGGVRCVDAFGYTDFTEDLKKFDIPTLVVHGDDDQVVPIDATGRKSAQIIP
NAELKVYEGSSHGIAMVPGDKEKFNRDLLEFLNK
;
_entity_poly.pdbx_strand_id   A
#
# COMPACT_ATOMS: atom_id res chain seq x y z
N PRO A 1 -5.77 -18.11 -5.62
CA PRO A 1 -7.24 -18.29 -5.66
C PRO A 1 -7.94 -17.01 -6.12
N ILE A 2 -9.22 -17.12 -6.46
CA ILE A 2 -9.98 -15.99 -7.01
C ILE A 2 -11.18 -15.71 -6.12
N CYS A 3 -11.40 -14.43 -5.85
CA CYS A 3 -12.63 -13.99 -5.17
C CYS A 3 -13.43 -13.23 -6.23
N THR A 4 -14.69 -13.59 -6.42
CA THR A 4 -15.48 -12.83 -7.42
C THR A 4 -16.27 -11.74 -6.68
N THR A 5 -16.11 -10.50 -7.14
CA THR A 5 -16.72 -9.39 -6.41
C THR A 5 -18.21 -9.33 -6.75
N ARG A 6 -18.86 -8.37 -6.07
CA ARG A 6 -20.28 -8.10 -6.33
C ARG A 6 -20.55 -7.68 -7.76
N ASP A 7 -19.57 -7.14 -8.45
CA ASP A 7 -19.68 -6.71 -9.83
C ASP A 7 -19.19 -7.72 -10.85
N GLY A 8 -18.76 -8.89 -10.41
CA GLY A 8 -18.32 -9.92 -11.35
C GLY A 8 -16.83 -9.80 -11.66
N VAL A 9 -16.11 -8.99 -10.91
CA VAL A 9 -14.67 -8.81 -11.16
C VAL A 9 -13.93 -9.95 -10.47
N GLU A 10 -12.87 -10.47 -11.08
CA GLU A 10 -12.14 -11.55 -10.39
C GLU A 10 -10.92 -10.97 -9.70
N ILE A 11 -10.87 -11.10 -8.36
CA ILE A 11 -9.72 -10.58 -7.62
C ILE A 11 -8.84 -11.77 -7.25
N PHE A 12 -7.61 -11.74 -7.75
CA PHE A 12 -6.69 -12.87 -7.48
C PHE A 12 -6.08 -12.68 -6.11
N TYR A 13 -5.81 -13.74 -5.34
CA TYR A 13 -5.14 -13.53 -4.06
C TYR A 13 -4.38 -14.80 -3.68
N LYS A 14 -3.38 -14.58 -2.84
CA LYS A 14 -2.63 -15.66 -2.19
C LYS A 14 -3.16 -15.84 -0.77
N ASP A 15 -3.28 -17.12 -0.33
CA ASP A 15 -3.85 -17.31 1.03
C ASP A 15 -3.04 -18.43 1.66
N TRP A 16 -2.13 -18.05 2.53
CA TRP A 16 -1.17 -19.02 3.06
C TRP A 16 -1.36 -19.23 4.56
N GLY A 17 -1.23 -20.50 4.99
CA GLY A 17 -1.22 -20.70 6.44
C GLY A 17 -2.57 -20.78 7.10
N GLN A 18 -2.46 -20.94 8.44
CA GLN A 18 -3.61 -21.04 9.33
C GLN A 18 -3.35 -20.14 10.55
N GLY A 19 -4.42 -19.58 11.09
CA GLY A 19 -4.14 -18.69 12.25
C GLY A 19 -4.88 -17.36 12.02
N ARG A 20 -4.62 -16.39 12.89
CA ARG A 20 -5.38 -15.12 12.77
C ARG A 20 -4.93 -14.49 11.45
N PRO A 21 -5.87 -13.92 10.73
CA PRO A 21 -5.54 -13.37 9.42
C PRO A 21 -4.87 -12.03 9.42
N VAL A 22 -3.87 -11.91 8.55
CA VAL A 22 -3.12 -10.71 8.28
C VAL A 22 -3.31 -10.48 6.74
N VAL A 23 -3.98 -9.40 6.40
CA VAL A 23 -4.31 -9.15 4.98
C VAL A 23 -3.47 -7.98 4.53
N PHE A 24 -2.69 -8.20 3.47
CA PHE A 24 -1.74 -7.21 2.98
C PHE A 24 -2.29 -6.51 1.74
N ILE A 25 -2.11 -5.18 1.72
CA ILE A 25 -2.74 -4.35 0.68
C ILE A 25 -1.65 -3.56 -0.01
N HIS A 26 -1.34 -3.95 -1.29
CA HIS A 26 -0.19 -3.43 -1.97
C HIS A 26 -0.30 -2.01 -2.55
N GLY A 27 0.85 -1.47 -2.95
CA GLY A 27 0.84 -0.11 -3.51
C GLY A 27 0.90 -0.11 -5.05
N TRP A 28 0.98 1.11 -5.60
CA TRP A 28 1.07 1.28 -7.05
C TRP A 28 2.52 1.20 -7.44
N PRO A 29 2.85 0.68 -8.64
CA PRO A 29 1.94 -0.01 -9.54
C PRO A 29 2.11 -1.53 -9.49
N LEU A 30 2.17 -2.06 -8.28
CA LEU A 30 2.59 -3.46 -8.09
C LEU A 30 1.42 -4.38 -7.88
N ASN A 31 1.63 -5.44 -7.09
CA ASN A 31 0.57 -6.39 -6.87
C ASN A 31 0.95 -7.23 -5.63
N GLY A 32 0.20 -8.23 -5.28
CA GLY A 32 0.47 -8.97 -4.05
C GLY A 32 1.82 -9.64 -4.00
N ASP A 33 2.51 -9.83 -5.14
CA ASP A 33 3.89 -10.34 -5.06
C ASP A 33 4.83 -9.39 -4.35
N ALA A 34 4.51 -8.10 -4.14
CA ALA A 34 5.29 -7.14 -3.40
C ALA A 34 5.30 -7.48 -1.90
N TRP A 35 4.59 -8.49 -1.49
CA TRP A 35 4.54 -8.82 -0.07
C TRP A 35 5.06 -10.23 0.20
N GLN A 36 5.65 -10.93 -0.77
CA GLN A 36 5.98 -12.33 -0.44
C GLN A 36 6.89 -12.45 0.76
N ASP A 37 7.85 -11.55 0.95
CA ASP A 37 8.74 -11.67 2.13
C ASP A 37 7.91 -11.61 3.42
N GLN A 38 6.99 -10.67 3.50
CA GLN A 38 6.17 -10.51 4.70
C GLN A 38 5.17 -11.60 4.88
N LEU A 39 4.60 -12.14 3.78
CA LEU A 39 3.68 -13.26 3.87
C LEU A 39 4.39 -14.48 4.50
N LYS A 40 5.60 -14.76 4.09
CA LYS A 40 6.32 -15.90 4.68
C LYS A 40 6.60 -15.59 6.17
N ALA A 41 7.07 -14.40 6.46
CA ALA A 41 7.40 -14.05 7.85
C ALA A 41 6.18 -14.25 8.75
N VAL A 42 5.01 -13.73 8.40
CA VAL A 42 3.87 -13.90 9.31
C VAL A 42 3.37 -15.31 9.37
N VAL A 43 3.42 -16.09 8.28
CA VAL A 43 2.88 -17.46 8.36
C VAL A 43 3.87 -18.32 9.18
N ASP A 44 5.16 -18.04 9.13
CA ASP A 44 6.12 -18.81 9.93
C ASP A 44 5.95 -18.47 11.42
N ALA A 45 5.38 -17.34 11.74
CA ALA A 45 5.11 -16.95 13.13
C ALA A 45 3.72 -17.37 13.58
N GLY A 46 2.95 -18.11 12.81
CA GLY A 46 1.68 -18.65 13.17
C GLY A 46 0.41 -17.89 12.83
N TYR A 47 0.53 -17.03 11.80
CA TYR A 47 -0.60 -16.29 11.27
C TYR A 47 -0.98 -16.80 9.86
N ARG A 48 -2.18 -16.40 9.46
CA ARG A 48 -2.65 -16.70 8.08
C ARG A 48 -2.32 -15.42 7.30
N GLY A 49 -1.67 -15.57 6.14
CA GLY A 49 -1.24 -14.35 5.43
C GLY A 49 -1.99 -14.34 4.12
N ILE A 50 -2.64 -13.20 3.81
CA ILE A 50 -3.42 -13.11 2.59
C ILE A 50 -2.98 -11.86 1.83
N ALA A 51 -2.81 -11.97 0.50
CA ALA A 51 -2.45 -10.74 -0.24
C ALA A 51 -3.13 -10.80 -1.61
N HIS A 52 -4.01 -9.80 -1.84
CA HIS A 52 -4.78 -9.77 -3.07
C HIS A 52 -4.15 -8.81 -4.05
N ASP A 53 -4.51 -8.98 -5.32
CA ASP A 53 -4.08 -8.07 -6.36
C ASP A 53 -5.27 -7.11 -6.66
N ARG A 54 -4.99 -5.83 -6.58
CA ARG A 54 -6.06 -4.82 -6.81
C ARG A 54 -6.60 -5.01 -8.23
N ARG A 55 -7.86 -4.67 -8.44
CA ARG A 55 -8.46 -4.76 -9.80
C ARG A 55 -7.50 -4.12 -10.78
N GLY A 56 -7.34 -4.79 -11.98
CA GLY A 56 -6.42 -4.20 -12.95
C GLY A 56 -4.93 -4.32 -12.66
N HIS A 57 -4.52 -5.18 -11.69
CA HIS A 57 -3.12 -5.35 -11.35
C HIS A 57 -2.91 -6.88 -11.24
N GLY A 58 -1.67 -7.27 -11.42
CA GLY A 58 -1.31 -8.69 -11.21
C GLY A 58 -2.17 -9.61 -12.04
N HIS A 59 -2.82 -10.57 -11.42
CA HIS A 59 -3.66 -11.54 -12.10
C HIS A 59 -5.15 -11.27 -11.87
N SER A 60 -5.49 -10.08 -11.37
CA SER A 60 -6.93 -9.79 -11.27
C SER A 60 -7.49 -9.30 -12.61
N THR A 61 -8.80 -9.27 -12.75
CA THR A 61 -9.35 -8.84 -14.08
C THR A 61 -8.76 -7.54 -14.54
N PRO A 62 -8.35 -7.41 -15.81
CA PRO A 62 -7.83 -6.19 -16.37
C PRO A 62 -9.00 -5.26 -16.71
N VAL A 63 -9.60 -4.66 -15.69
CA VAL A 63 -10.77 -3.81 -15.84
C VAL A 63 -10.43 -2.43 -16.38
N TRP A 64 -11.53 -1.82 -16.94
CA TRP A 64 -11.41 -0.44 -17.38
C TRP A 64 -11.76 0.53 -16.23
N ASP A 65 -12.77 0.15 -15.48
CA ASP A 65 -13.34 1.17 -14.59
C ASP A 65 -13.13 0.82 -13.12
N GLY A 66 -13.59 1.79 -12.30
CA GLY A 66 -13.51 1.52 -10.86
C GLY A 66 -12.17 1.77 -10.24
N TYR A 67 -11.30 2.60 -10.81
CA TYR A 67 -10.01 2.91 -10.19
C TYR A 67 -10.20 4.11 -9.23
N ASP A 68 -10.93 3.84 -8.13
CA ASP A 68 -11.20 4.88 -7.12
C ASP A 68 -11.22 4.17 -5.77
N PHE A 69 -11.01 4.93 -4.70
CA PHE A 69 -10.91 4.26 -3.40
C PHE A 69 -12.17 3.61 -2.89
N ASP A 70 -13.38 4.16 -3.19
CA ASP A 70 -14.59 3.49 -2.76
C ASP A 70 -14.70 2.09 -3.38
N THR A 71 -14.37 1.99 -4.69
CA THR A 71 -14.42 0.65 -5.31
C THR A 71 -13.34 -0.26 -4.73
N PHE A 72 -12.12 0.25 -4.58
CA PHE A 72 -11.06 -0.62 -3.98
C PHE A 72 -11.48 -1.12 -2.59
N ALA A 73 -12.06 -0.21 -1.79
CA ALA A 73 -12.49 -0.65 -0.44
C ALA A 73 -13.61 -1.65 -0.48
N ASP A 74 -14.56 -1.58 -1.43
CA ASP A 74 -15.66 -2.49 -1.52
C ASP A 74 -15.15 -3.85 -2.03
N ASP A 75 -14.17 -3.80 -2.95
CA ASP A 75 -13.55 -5.06 -3.39
C ASP A 75 -12.87 -5.74 -2.19
N LEU A 76 -12.20 -4.98 -1.33
CA LEU A 76 -11.59 -5.55 -0.13
C LEU A 76 -12.68 -6.10 0.78
N ASN A 77 -13.80 -5.37 0.92
CA ASN A 77 -14.92 -5.88 1.71
C ASN A 77 -15.43 -7.21 1.20
N ASP A 78 -15.53 -7.36 -0.14
CA ASP A 78 -16.01 -8.61 -0.71
C ASP A 78 -15.06 -9.77 -0.38
N LEU A 79 -13.76 -9.52 -0.38
CA LEU A 79 -12.79 -10.58 -0.09
C LEU A 79 -12.87 -10.99 1.38
N LEU A 80 -12.98 -10.00 2.28
CA LEU A 80 -13.07 -10.32 3.72
C LEU A 80 -14.38 -11.01 4.05
N THR A 81 -15.46 -10.63 3.37
CA THR A 81 -16.75 -11.25 3.58
C THR A 81 -16.84 -12.66 3.01
N ASP A 82 -16.32 -12.86 1.79
CA ASP A 82 -16.34 -14.18 1.16
C ASP A 82 -15.59 -15.20 2.00
N LEU A 83 -14.45 -14.84 2.54
CA LEU A 83 -13.63 -15.71 3.38
C LEU A 83 -14.06 -15.70 4.85
N ASP A 84 -15.01 -14.85 5.16
CA ASP A 84 -15.56 -14.60 6.49
C ASP A 84 -14.46 -14.44 7.50
N LEU A 85 -13.57 -13.48 7.24
CA LEU A 85 -12.43 -13.24 8.11
C LEU A 85 -12.77 -12.31 9.26
N ARG A 86 -12.27 -12.66 10.44
CA ARG A 86 -12.48 -11.89 11.66
C ARG A 86 -11.18 -11.69 12.40
N ASP A 87 -11.09 -10.67 13.27
CA ASP A 87 -9.89 -10.39 14.05
C ASP A 87 -8.71 -10.14 13.14
N VAL A 88 -9.00 -9.43 12.04
CA VAL A 88 -7.96 -9.24 11.02
C VAL A 88 -7.01 -8.10 11.30
N THR A 89 -5.74 -8.22 10.91
CA THR A 89 -4.85 -7.06 10.85
C THR A 89 -4.68 -6.70 9.36
N LEU A 90 -4.96 -5.46 9.02
CA LEU A 90 -4.75 -5.02 7.64
C LEU A 90 -3.42 -4.31 7.61
N VAL A 91 -2.59 -4.62 6.62
CA VAL A 91 -1.26 -4.01 6.53
C VAL A 91 -1.21 -3.40 5.12
N ALA A 92 -0.99 -2.10 5.03
CA ALA A 92 -1.04 -1.47 3.69
C ALA A 92 0.21 -0.71 3.37
N HIS A 93 0.58 -0.71 2.08
CA HIS A 93 1.73 0.12 1.69
C HIS A 93 1.27 1.20 0.69
N SER A 94 1.82 2.40 0.82
CA SER A 94 1.62 3.47 -0.18
C SER A 94 0.18 3.79 -0.45
N MET A 95 -0.33 3.78 -1.73
CA MET A 95 -1.73 4.03 -1.96
C MET A 95 -2.65 2.99 -1.42
N GLY A 96 -2.15 1.78 -1.04
CA GLY A 96 -2.89 0.76 -0.32
C GLY A 96 -3.44 1.31 1.02
N GLY A 97 -2.73 2.27 1.57
CA GLY A 97 -3.19 2.95 2.82
C GLY A 97 -4.49 3.71 2.60
N GLY A 98 -4.78 4.19 1.37
CA GLY A 98 -6.07 4.79 1.10
C GLY A 98 -7.16 3.75 1.03
N GLU A 99 -6.88 2.54 0.45
CA GLU A 99 -7.84 1.45 0.46
C GLU A 99 -8.18 1.04 1.88
N LEU A 100 -7.18 0.98 2.74
CA LEU A 100 -7.37 0.60 4.16
C LEU A 100 -8.21 1.69 4.86
N ALA A 101 -7.82 2.93 4.65
CA ALA A 101 -8.59 4.03 5.31
C ALA A 101 -10.02 4.08 4.84
N ARG A 102 -10.27 3.98 3.53
CA ARG A 102 -11.64 4.07 3.03
C ARG A 102 -12.44 2.85 3.39
N TYR A 103 -11.82 1.64 3.54
CA TYR A 103 -12.52 0.49 4.07
C TYR A 103 -13.02 0.78 5.51
N VAL A 104 -12.18 1.36 6.33
CA VAL A 104 -12.67 1.70 7.70
C VAL A 104 -13.82 2.70 7.62
N GLY A 105 -13.67 3.69 6.76
CA GLY A 105 -14.69 4.75 6.65
C GLY A 105 -16.01 4.20 6.17
N ARG A 106 -16.02 3.26 5.23
CA ARG A 106 -17.23 2.77 4.62
C ARG A 106 -17.85 1.58 5.32
N HIS A 107 -17.02 0.65 5.78
CA HIS A 107 -17.45 -0.62 6.33
C HIS A 107 -17.23 -0.78 7.83
N GLY A 108 -16.47 0.12 8.44
CA GLY A 108 -16.22 0.06 9.88
C GLY A 108 -15.16 -0.95 10.27
N THR A 109 -14.97 -1.13 11.59
CA THR A 109 -13.90 -1.97 12.10
C THR A 109 -14.37 -3.25 12.77
N GLY A 110 -15.57 -3.70 12.48
CA GLY A 110 -16.10 -4.90 13.13
C GLY A 110 -15.31 -6.17 12.89
N ARG A 111 -14.70 -6.29 11.70
CA ARG A 111 -13.89 -7.49 11.40
C ARG A 111 -12.43 -7.30 11.75
N LEU A 112 -12.04 -6.13 12.26
CA LEU A 112 -10.63 -5.83 12.39
C LEU A 112 -10.12 -5.81 13.84
N ARG A 113 -8.89 -6.23 13.96
CA ARG A 113 -8.17 -6.15 15.23
C ARG A 113 -7.28 -4.93 15.25
N SER A 114 -6.51 -4.71 14.18
CA SER A 114 -5.51 -3.66 14.18
C SER A 114 -5.10 -3.34 12.71
N ALA A 115 -4.29 -2.30 12.54
CA ALA A 115 -3.92 -1.84 11.20
C ALA A 115 -2.50 -1.32 11.19
N VAL A 116 -1.85 -1.48 10.02
CA VAL A 116 -0.48 -1.00 9.87
C VAL A 116 -0.46 -0.16 8.59
N LEU A 117 0.09 1.04 8.66
CA LEU A 117 0.19 1.91 7.48
C LEU A 117 1.66 2.08 7.20
N LEU A 118 2.17 1.42 6.15
CA LEU A 118 3.58 1.53 5.81
C LEU A 118 3.77 2.48 4.64
N SER A 119 4.48 3.57 4.87
CA SER A 119 4.80 4.57 3.83
C SER A 119 3.55 4.92 3.06
N ALA A 120 2.46 5.24 3.78
CA ALA A 120 1.16 5.37 3.20
C ALA A 120 0.74 6.81 2.92
N ILE A 121 -0.18 6.96 1.97
CA ILE A 121 -0.62 8.26 1.55
C ILE A 121 -1.49 9.08 2.52
N PRO A 122 -2.24 8.54 3.45
CA PRO A 122 -3.08 9.42 4.30
C PRO A 122 -2.20 10.36 5.06
N PRO A 123 -2.74 11.58 5.38
CA PRO A 123 -4.08 11.94 5.08
C PRO A 123 -4.36 12.45 3.68
N VAL A 124 -3.48 13.24 3.12
CA VAL A 124 -3.68 13.76 1.76
C VAL A 124 -2.32 14.14 1.20
N MET A 125 -2.05 13.79 -0.09
CA MET A 125 -0.77 14.10 -0.65
C MET A 125 -0.58 15.48 -1.29
N ILE A 126 -1.62 15.97 -1.94
CA ILE A 126 -1.46 17.20 -2.73
C ILE A 126 -1.08 18.42 -1.91
N LYS A 127 -0.07 19.12 -2.43
CA LYS A 127 0.33 20.38 -1.79
C LYS A 127 -0.77 21.43 -1.96
N SER A 128 -0.91 22.21 -0.88
CA SER A 128 -1.86 23.34 -0.98
C SER A 128 -1.43 24.33 0.09
N ASP A 129 -2.17 25.46 0.24
CA ASP A 129 -1.80 26.36 1.36
C ASP A 129 -2.01 25.74 2.71
N LYS A 130 -2.96 24.80 2.86
CA LYS A 130 -3.24 24.09 4.08
C LYS A 130 -2.25 22.93 4.28
N ASN A 131 -1.58 22.46 3.25
CA ASN A 131 -0.62 21.33 3.33
C ASN A 131 0.63 21.68 2.57
N PRO A 132 1.46 22.57 3.08
CA PRO A 132 2.60 23.11 2.35
C PRO A 132 3.74 22.13 2.15
N ASP A 133 3.74 21.04 2.90
CA ASP A 133 4.75 19.99 2.75
C ASP A 133 4.31 18.89 1.82
N GLY A 134 3.21 19.08 1.11
CA GLY A 134 2.70 17.99 0.24
C GLY A 134 3.42 18.03 -1.11
N VAL A 135 2.88 17.19 -1.99
CA VAL A 135 3.48 17.02 -3.32
C VAL A 135 2.82 17.98 -4.32
N PRO A 136 3.62 18.71 -5.07
CA PRO A 136 3.06 19.64 -6.06
C PRO A 136 2.30 18.97 -7.16
N ASP A 137 1.31 19.63 -7.78
CA ASP A 137 0.56 19.04 -8.87
C ASP A 137 1.44 18.58 -10.04
N GLU A 138 2.50 19.32 -10.34
CA GLU A 138 3.37 19.00 -11.45
C GLU A 138 3.94 17.58 -11.34
N VAL A 139 4.18 17.10 -10.12
CA VAL A 139 4.70 15.74 -9.95
C VAL A 139 3.68 14.72 -10.44
N PHE A 140 2.43 14.89 -10.07
CA PHE A 140 1.38 13.94 -10.49
C PHE A 140 1.19 14.01 -11.99
N ASP A 141 1.26 15.24 -12.52
CA ASP A 141 1.16 15.35 -13.99
C ASP A 141 2.27 14.53 -14.64
N ALA A 142 3.50 14.64 -14.16
CA ALA A 142 4.66 13.95 -14.70
C ALA A 142 4.50 12.43 -14.58
N LEU A 143 3.96 11.94 -13.45
CA LEU A 143 3.74 10.48 -13.39
C LEU A 143 2.78 10.01 -14.47
N LYS A 144 1.67 10.74 -14.66
CA LYS A 144 0.69 10.31 -15.64
C LYS A 144 1.27 10.42 -17.05
N ASN A 145 2.02 11.48 -17.32
CA ASN A 145 2.63 11.61 -18.66
C ASN A 145 3.67 10.53 -18.90
N GLY A 146 4.36 10.08 -17.85
CA GLY A 146 5.36 9.03 -18.03
C GLY A 146 4.67 7.76 -18.43
N VAL A 147 3.58 7.39 -17.75
CA VAL A 147 2.88 6.15 -18.08
C VAL A 147 2.35 6.20 -19.52
N LEU A 148 1.83 7.38 -19.92
CA LEU A 148 1.28 7.47 -21.29
C LEU A 148 2.31 7.61 -22.36
N THR A 149 3.50 8.05 -22.09
CA THR A 149 4.55 8.20 -23.10
C THR A 149 5.16 6.85 -23.46
N GLU A 150 5.60 6.14 -22.44
CA GLU A 150 6.16 4.77 -22.73
C GLU A 150 6.24 4.12 -21.32
N ARG A 151 5.20 3.39 -20.97
CA ARG A 151 5.17 2.84 -19.59
C ARG A 151 6.31 1.92 -19.22
N SER A 152 6.78 1.10 -20.18
CA SER A 152 7.86 0.14 -19.80
C SER A 152 9.11 0.83 -19.34
N GLN A 153 9.63 1.79 -20.12
CA GLN A 153 10.79 2.57 -19.72
C GLN A 153 10.44 3.37 -18.45
N PHE A 154 9.21 3.85 -18.38
CA PHE A 154 8.83 4.67 -17.20
C PHE A 154 8.98 3.89 -15.91
N TRP A 155 8.64 2.60 -15.92
CA TRP A 155 8.81 1.81 -14.66
C TRP A 155 10.27 1.66 -14.35
N LYS A 156 11.13 1.42 -15.36
CA LYS A 156 12.57 1.33 -15.09
C LYS A 156 13.10 2.63 -14.49
N ASP A 157 12.64 3.79 -15.02
CA ASP A 157 13.14 5.04 -14.47
C ASP A 157 12.56 5.32 -13.08
N THR A 158 11.33 4.98 -12.85
CA THR A 158 10.66 5.21 -11.56
C THR A 158 11.23 4.35 -10.45
N ALA A 159 11.74 3.17 -10.81
CA ALA A 159 12.31 2.32 -9.72
C ALA A 159 13.42 3.01 -8.98
N GLU A 160 14.20 3.88 -9.61
CA GLU A 160 15.28 4.60 -8.95
C GLU A 160 14.78 5.44 -7.76
N GLY A 161 13.75 6.23 -8.00
CA GLY A 161 13.18 7.02 -6.90
C GLY A 161 12.47 6.14 -5.88
N PHE A 162 11.76 5.10 -6.34
CA PHE A 162 10.96 4.28 -5.45
C PHE A 162 11.85 3.67 -4.36
N PHE A 163 13.07 3.27 -4.71
CA PHE A 163 13.98 2.62 -3.77
C PHE A 163 15.08 3.54 -3.29
N SER A 164 15.01 4.85 -3.58
CA SER A 164 16.08 5.78 -3.23
C SER A 164 17.43 5.21 -3.64
N ALA A 165 17.49 4.72 -4.90
CA ALA A 165 18.69 4.04 -5.35
C ALA A 165 19.77 5.01 -5.80
N ASN A 166 19.51 6.30 -5.69
CA ASN A 166 20.49 7.33 -5.94
C ASN A 166 21.40 7.57 -4.74
N ARG A 167 21.10 6.97 -3.59
CA ARG A 167 21.97 7.19 -2.43
C ARG A 167 23.18 6.30 -2.44
N PRO A 168 24.37 6.90 -2.42
CA PRO A 168 25.60 6.14 -2.37
C PRO A 168 25.55 5.09 -1.28
N GLY A 169 26.07 3.89 -1.57
CA GLY A 169 26.09 2.84 -0.55
C GLY A 169 24.77 2.20 -0.20
N ASN A 170 23.75 2.34 -1.05
CA ASN A 170 22.46 1.71 -0.75
C ASN A 170 22.55 0.20 -1.02
N LYS A 171 21.55 -0.52 -0.56
CA LYS A 171 21.52 -1.97 -0.62
C LYS A 171 20.53 -2.50 -1.67
N VAL A 172 20.07 -1.60 -2.50
CA VAL A 172 19.10 -1.97 -3.55
C VAL A 172 19.85 -2.77 -4.62
N THR A 173 19.25 -3.89 -5.05
CA THR A 173 19.89 -4.68 -6.09
C THR A 173 19.31 -4.33 -7.46
N GLN A 174 20.02 -4.81 -8.49
CA GLN A 174 19.44 -4.60 -9.83
C GLN A 174 18.17 -5.44 -9.89
N GLY A 175 18.23 -6.63 -9.23
CA GLY A 175 17.05 -7.48 -9.14
C GLY A 175 15.83 -6.76 -8.60
N ASN A 176 15.97 -5.91 -7.57
CA ASN A 176 14.81 -5.19 -7.01
C ASN A 176 14.16 -4.35 -8.15
N LYS A 177 15.00 -3.69 -8.89
CA LYS A 177 14.50 -2.81 -9.97
C LYS A 177 13.84 -3.63 -11.06
N ASP A 178 14.45 -4.76 -11.39
CA ASP A 178 13.87 -5.62 -12.41
C ASP A 178 12.54 -6.20 -11.94
N ALA A 179 12.44 -6.56 -10.64
CA ALA A 179 11.17 -7.09 -10.15
C ALA A 179 10.04 -6.04 -10.11
N PHE A 180 10.43 -4.80 -9.81
CA PHE A 180 9.50 -3.66 -9.85
C PHE A 180 8.88 -3.59 -11.26
N TRP A 181 9.78 -3.56 -12.23
CA TRP A 181 9.30 -3.51 -13.64
C TRP A 181 8.41 -4.70 -13.95
N TYR A 182 8.81 -5.91 -13.58
CA TYR A 182 8.03 -7.13 -13.86
C TYR A 182 6.63 -7.06 -13.29
N MET A 183 6.48 -6.62 -12.02
CA MET A 183 5.17 -6.47 -11.44
C MET A 183 4.36 -5.35 -12.16
N ALA A 184 5.02 -4.28 -12.47
CA ALA A 184 4.30 -3.13 -13.10
C ALA A 184 3.81 -3.46 -14.49
N MET A 185 4.44 -4.42 -15.19
CA MET A 185 3.99 -4.72 -16.57
C MET A 185 2.67 -5.43 -16.53
N ALA A 186 2.19 -5.93 -15.39
CA ALA A 186 0.90 -6.59 -15.32
C ALA A 186 -0.22 -5.59 -15.01
N GLN A 187 0.13 -4.32 -14.80
CA GLN A 187 -0.98 -3.38 -14.52
C GLN A 187 -1.59 -2.81 -15.82
N THR A 188 -2.90 -2.60 -15.80
CA THR A 188 -3.47 -1.98 -17.02
C THR A 188 -2.94 -0.57 -17.16
N ILE A 189 -2.93 -0.03 -18.41
CA ILE A 189 -2.44 1.34 -18.57
C ILE A 189 -3.43 2.34 -17.94
N GLU A 190 -4.72 2.01 -17.91
CA GLU A 190 -5.72 2.91 -17.34
C GLU A 190 -5.58 2.90 -15.82
N GLY A 191 -5.28 1.73 -15.25
CA GLY A 191 -5.07 1.73 -13.78
C GLY A 191 -3.80 2.51 -13.45
N GLY A 192 -2.79 2.44 -14.29
CA GLY A 192 -1.56 3.18 -14.15
C GLY A 192 -1.84 4.68 -13.97
N VAL A 193 -2.59 5.24 -14.91
CA VAL A 193 -2.90 6.69 -14.82
C VAL A 193 -4.01 7.05 -13.86
N ARG A 194 -5.11 6.32 -13.73
CA ARG A 194 -6.22 6.72 -12.89
C ARG A 194 -5.84 6.59 -11.41
N CYS A 195 -4.97 5.61 -11.11
CA CYS A 195 -4.57 5.55 -9.68
C CYS A 195 -3.81 6.80 -9.28
N VAL A 196 -3.04 7.44 -10.14
CA VAL A 196 -2.35 8.68 -9.79
C VAL A 196 -3.34 9.75 -9.36
N ASP A 197 -4.38 9.96 -10.15
CA ASP A 197 -5.43 10.92 -9.81
C ASP A 197 -6.03 10.57 -8.45
N ALA A 198 -6.30 9.26 -8.26
CA ALA A 198 -6.89 8.92 -6.97
C ALA A 198 -5.90 9.15 -5.84
N PHE A 199 -4.66 8.67 -5.94
CA PHE A 199 -3.82 8.77 -4.72
C PHE A 199 -3.27 10.17 -4.49
N GLY A 200 -3.21 11.00 -5.54
CA GLY A 200 -2.62 12.32 -5.38
C GLY A 200 -3.62 13.24 -4.66
N TYR A 201 -4.89 13.06 -4.93
CA TYR A 201 -5.86 14.13 -4.59
C TYR A 201 -6.89 13.74 -3.57
N THR A 202 -7.00 12.46 -3.21
CA THR A 202 -8.07 12.07 -2.28
C THR A 202 -7.66 12.38 -0.85
N ASP A 203 -8.60 12.97 -0.09
CA ASP A 203 -8.26 13.29 1.31
C ASP A 203 -8.91 12.29 2.23
N PHE A 204 -8.11 11.62 3.08
CA PHE A 204 -8.65 10.59 3.96
C PHE A 204 -8.70 11.08 5.42
N THR A 205 -8.57 12.40 5.62
CA THR A 205 -8.59 12.85 7.03
C THR A 205 -9.81 12.37 7.79
N GLU A 206 -11.01 12.50 7.25
CA GLU A 206 -12.22 12.07 7.97
C GLU A 206 -12.36 10.58 8.19
N ASP A 207 -11.78 9.78 7.28
CA ASP A 207 -11.76 8.34 7.51
C ASP A 207 -10.83 7.98 8.67
N LEU A 208 -9.70 8.63 8.77
CA LEU A 208 -8.70 8.37 9.81
C LEU A 208 -9.29 8.62 11.21
N LYS A 209 -10.16 9.62 11.31
CA LYS A 209 -10.76 9.91 12.63
C LYS A 209 -11.73 8.81 13.07
N LYS A 210 -12.18 7.91 12.20
CA LYS A 210 -13.04 6.81 12.53
C LYS A 210 -12.28 5.57 12.99
N PHE A 211 -10.97 5.59 12.98
CA PHE A 211 -10.20 4.43 13.43
C PHE A 211 -10.41 4.28 14.94
N ASP A 212 -10.60 3.07 15.40
CA ASP A 212 -10.77 2.84 16.84
C ASP A 212 -10.04 1.55 17.21
N ILE A 213 -9.05 1.19 16.39
CA ILE A 213 -8.25 -0.02 16.61
C ILE A 213 -6.81 0.38 16.68
N PRO A 214 -5.92 -0.38 17.33
CA PRO A 214 -4.51 -0.04 17.43
C PRO A 214 -3.95 0.10 16.00
N THR A 215 -3.11 1.08 15.79
CA THR A 215 -2.62 1.33 14.44
C THR A 215 -1.16 1.68 14.55
N LEU A 216 -0.32 1.03 13.75
CA LEU A 216 1.08 1.34 13.65
C LEU A 216 1.35 2.05 12.34
N VAL A 217 2.02 3.17 12.39
CA VAL A 217 2.38 3.92 11.19
C VAL A 217 3.88 3.85 11.07
N VAL A 218 4.42 3.26 9.97
CA VAL A 218 5.86 3.17 9.74
C VAL A 218 6.21 4.00 8.51
N HIS A 219 7.28 4.78 8.50
CA HIS A 219 7.56 5.56 7.29
C HIS A 219 9.03 5.88 7.26
N GLY A 220 9.63 5.81 6.09
CA GLY A 220 11.06 6.13 5.99
C GLY A 220 11.19 7.65 5.87
N ASP A 221 12.31 8.20 6.35
CA ASP A 221 12.49 9.64 6.15
C ASP A 221 13.32 9.98 4.93
N ASP A 222 13.62 8.99 4.07
CA ASP A 222 14.15 9.29 2.74
C ASP A 222 13.17 8.78 1.65
N ASP A 223 11.89 8.89 1.97
CA ASP A 223 10.86 8.45 1.01
C ASP A 223 10.69 9.56 -0.03
N GLN A 224 11.10 9.20 -1.25
CA GLN A 224 11.08 10.18 -2.36
C GLN A 224 9.79 10.10 -3.13
N VAL A 225 8.81 9.34 -2.70
CA VAL A 225 7.54 9.16 -3.40
C VAL A 225 6.40 9.73 -2.54
N VAL A 226 6.37 9.37 -1.27
CA VAL A 226 5.31 9.78 -0.33
C VAL A 226 6.01 10.50 0.82
N PRO A 227 5.95 11.81 0.87
CA PRO A 227 6.77 12.58 1.81
C PRO A 227 6.32 12.40 3.24
N ILE A 228 7.31 12.01 4.09
CA ILE A 228 6.94 11.71 5.47
C ILE A 228 6.25 12.85 6.17
N ASP A 229 6.73 14.07 6.03
CA ASP A 229 6.09 15.15 6.82
C ASP A 229 4.64 15.44 6.50
N ALA A 230 4.20 15.21 5.27
CA ALA A 230 2.82 15.47 4.88
C ALA A 230 1.92 14.30 5.20
N THR A 231 2.49 13.08 5.31
CA THR A 231 1.62 11.89 5.42
C THR A 231 1.83 11.18 6.74
N GLY A 232 2.75 10.23 6.87
CA GLY A 232 2.98 9.49 8.10
C GLY A 232 3.05 10.31 9.39
N ARG A 233 3.82 11.39 9.39
CA ARG A 233 3.82 12.23 10.62
C ARG A 233 2.44 12.76 10.98
N LYS A 234 1.61 13.11 10.00
CA LYS A 234 0.28 13.61 10.29
C LYS A 234 -0.74 12.54 10.59
N SER A 235 -0.70 11.38 9.88
CA SER A 235 -1.73 10.39 10.19
C SER A 235 -1.54 9.85 11.61
N ALA A 236 -0.32 9.81 12.08
CA ALA A 236 0.00 9.30 13.43
C ALA A 236 -0.60 10.23 14.49
N GLN A 237 -0.78 11.48 14.13
CA GLN A 237 -1.42 12.42 15.07
C GLN A 237 -2.93 12.39 15.00
N ILE A 238 -3.53 12.06 13.87
CA ILE A 238 -4.98 12.05 13.71
C ILE A 238 -5.63 10.77 14.16
N ILE A 239 -5.02 9.62 13.81
CA ILE A 239 -5.60 8.34 14.21
C ILE A 239 -5.52 8.20 15.72
N PRO A 240 -6.62 7.96 16.40
CA PRO A 240 -6.59 7.84 17.85
C PRO A 240 -5.64 6.74 18.32
N ASN A 241 -4.78 6.97 19.27
CA ASN A 241 -3.87 5.99 19.81
C ASN A 241 -2.81 5.39 18.88
N ALA A 242 -2.58 5.95 17.71
CA ALA A 242 -1.59 5.41 16.78
C ALA A 242 -0.17 5.49 17.29
N GLU A 243 0.69 4.54 16.93
CA GLU A 243 2.11 4.59 17.18
C GLU A 243 2.88 4.95 15.90
N LEU A 244 3.91 5.76 15.97
CA LEU A 244 4.68 6.08 14.75
C LEU A 244 6.09 5.55 14.90
N LYS A 245 6.64 4.87 13.87
CA LYS A 245 8.03 4.47 13.90
C LYS A 245 8.69 5.06 12.64
N VAL A 246 9.58 6.01 12.79
CA VAL A 246 10.31 6.60 11.67
C VAL A 246 11.53 5.72 11.36
N TYR A 247 11.64 5.34 10.09
CA TYR A 247 12.82 4.53 9.69
C TYR A 247 13.84 5.47 9.09
N GLU A 248 14.88 5.83 9.84
CA GLU A 248 15.89 6.77 9.34
C GLU A 248 16.62 6.22 8.13
N GLY A 249 16.71 7.03 7.09
CA GLY A 249 17.39 6.68 5.85
C GLY A 249 16.63 5.73 4.94
N SER A 250 15.40 5.37 5.21
CA SER A 250 14.74 4.34 4.42
C SER A 250 13.92 4.96 3.27
N SER A 251 13.82 4.16 2.20
CA SER A 251 13.05 4.61 1.03
C SER A 251 11.58 4.24 1.11
N HIS A 252 10.91 4.41 -0.04
CA HIS A 252 9.52 4.08 -0.20
C HIS A 252 9.36 2.56 -0.33
N GLY A 253 10.43 1.82 -0.61
CA GLY A 253 10.34 0.39 -0.84
C GLY A 253 10.87 -0.48 0.31
N ILE A 254 10.57 -0.08 1.54
CA ILE A 254 11.03 -0.81 2.73
C ILE A 254 10.73 -2.28 2.74
N ALA A 255 9.56 -2.75 2.25
CA ALA A 255 9.21 -4.16 2.35
C ALA A 255 10.05 -5.05 1.43
N MET A 256 10.67 -4.48 0.40
CA MET A 256 11.43 -5.28 -0.57
C MET A 256 12.93 -5.11 -0.53
N VAL A 257 13.44 -4.08 0.16
CA VAL A 257 14.89 -3.79 0.10
C VAL A 257 15.63 -4.55 1.20
N PRO A 258 16.72 -5.22 0.88
CA PRO A 258 17.49 -5.96 1.89
C PRO A 258 17.81 -5.06 3.09
N GLY A 259 17.73 -5.62 4.26
CA GLY A 259 18.05 -4.91 5.51
C GLY A 259 16.81 -4.25 6.09
N ASP A 260 16.20 -3.35 5.29
CA ASP A 260 14.98 -2.72 5.75
C ASP A 260 13.86 -3.71 5.87
N LYS A 261 13.78 -4.67 4.91
CA LYS A 261 12.65 -5.58 5.00
C LYS A 261 12.74 -6.46 6.26
N GLU A 262 13.92 -6.80 6.74
CA GLU A 262 13.98 -7.58 7.99
C GLU A 262 13.60 -6.72 9.21
N LYS A 263 13.97 -5.45 9.13
CA LYS A 263 13.59 -4.54 10.23
C LYS A 263 12.08 -4.42 10.27
N PHE A 264 11.41 -4.25 9.09
CA PHE A 264 9.96 -4.14 9.08
C PHE A 264 9.33 -5.43 9.54
N ASN A 265 9.83 -6.60 9.09
CA ASN A 265 9.23 -7.85 9.51
C ASN A 265 9.27 -7.96 11.06
N ARG A 266 10.38 -7.56 11.63
CA ARG A 266 10.54 -7.63 13.10
C ARG A 266 9.53 -6.73 13.80
N ASP A 267 9.36 -5.51 13.29
CA ASP A 267 8.36 -4.59 13.86
C ASP A 267 6.94 -5.08 13.71
N LEU A 268 6.62 -5.62 12.52
CA LEU A 268 5.31 -6.15 12.21
C LEU A 268 4.96 -7.30 13.13
N LEU A 269 5.91 -8.23 13.35
CA LEU A 269 5.63 -9.36 14.19
C LEU A 269 5.43 -8.93 15.66
N GLU A 270 6.16 -7.91 16.07
CA GLU A 270 5.95 -7.42 17.45
C GLU A 270 4.57 -6.81 17.59
N PHE A 271 4.15 -6.00 16.59
CA PHE A 271 2.85 -5.38 16.58
C PHE A 271 1.72 -6.37 16.50
N LEU A 272 1.88 -7.50 15.75
CA LEU A 272 0.80 -8.46 15.59
C LEU A 272 0.40 -9.13 16.91
N ASN A 273 1.28 -9.10 17.90
CA ASN A 273 0.92 -9.65 19.22
C ASN A 273 0.12 -8.64 20.03
N LYS A 274 -0.45 -7.59 19.47
CA LYS A 274 -1.26 -6.59 20.13
C LYS A 274 -2.73 -6.75 19.74
#